data_7MZL
#
_entry.id   7MZL
#
_cell.length_a   177.563
_cell.length_b   177.563
_cell.length_c   68.574
_cell.angle_alpha   90.000
_cell.angle_beta   90.000
_cell.angle_gamma   90.000
#
_symmetry.space_group_name_H-M   'P 4 21 2'
#
loop_
_entity.id
_entity.type
_entity.pdbx_description
1 polymer 'Spike protein S1'
2 polymer 'PDI 210 heavy chain'
3 polymer 'PDI 210 light chain'
4 branched 2-acetamido-2-deoxy-beta-D-glucopyranose-(1-4)-[alpha-L-fucopyranose-(1-6)]2-acetamido-2-deoxy-beta-D-glucopyranose
#
loop_
_entity_poly.entity_id
_entity_poly.type
_entity_poly.pdbx_seq_one_letter_code
_entity_poly.pdbx_strand_id
1 'polypeptide(L)'
;NITNLCPFGEVFNATRFASVYAWNRKRISNCVADYSVLYNSASFSTFKCYGVSPTKLNDLCFTNVYADSFVIRGDEVRQI
APGQTGKIADYNYKLPDDFTGCVIAWNSNNLDSKVGGNYNYLYRLFRKSNLKPFERDISTEIYQAGSTPCNGVEGFNCYF
PLQSYGFQPTNGVGYQPYRVVVLSFELLHAPATVCGPGSHHHHHH
;
A
2 'polypeptide(L)'
;QVQLQQWGAGLLKPSETLSLTCVVYGETLSGYYWTWIRQSPGKGLEWIGEISLRGTANYNPSLKSRVTLSVEASKNQFSL
KMTSVTAADTAVYYCVGGVVLDNVVWFDPWGQGIPVTVSLASTKGPSVFPLAPSSKSTSGGTAALGCLVKDYFPEPVTVS
WNSGALTSGVHTFPAVLQSSGLYSLSSVVTVPSSSLGTQTYICNVNHKPSNTKVDKKVEPKSCDKTH
;
H
3 'polypeptide(L)'
;ESVLTQSPVSLSLSPGERATLSCRASQSVGTYLAWYQHRPGQAPRLLIYNASKRATGIPARFSGSGSGTDFTLTISSLEP
EDLAVYFCQQRSNWLTFGGGTKVEIKRTVAAPSVFIFPPSDEQLKSGTASVVCLLNNFYPREAKVQWKVDNALQSGNSQE
SVTEQDSKDSTYSLSSTLTLSKADYEKHKVYACEVTHQGLSSPVTKSFNRGEC
;
L
#
# COMPACT_ATOMS: atom_id res chain seq x y z
N THR A 3 -57.83 -17.73 -12.62
CA THR A 3 -56.42 -17.74 -13.04
C THR A 3 -55.75 -16.40 -12.70
N ASN A 4 -55.54 -16.17 -11.42
CA ASN A 4 -54.90 -14.94 -10.94
C ASN A 4 -53.41 -15.22 -10.74
N LEU A 5 -52.59 -14.61 -11.59
CA LEU A 5 -51.15 -14.81 -11.51
C LEU A 5 -50.57 -14.06 -10.31
N CYS A 6 -49.40 -14.52 -9.87
CA CYS A 6 -48.75 -13.90 -8.72
C CYS A 6 -48.15 -12.55 -9.13
N PRO A 7 -48.21 -11.55 -8.26
CA PRO A 7 -47.72 -10.21 -8.64
C PRO A 7 -46.20 -10.13 -8.70
N PHE A 8 -45.61 -10.85 -9.66
CA PHE A 8 -44.15 -10.79 -9.82
C PHE A 8 -43.71 -9.45 -10.37
N GLY A 9 -44.57 -8.76 -11.11
CA GLY A 9 -44.24 -7.44 -11.60
C GLY A 9 -44.17 -6.39 -10.52
N GLU A 10 -44.77 -6.65 -9.35
CA GLU A 10 -44.73 -5.69 -8.26
C GLU A 10 -43.44 -5.76 -7.46
N VAL A 11 -42.68 -6.85 -7.56
CA VAL A 11 -41.47 -7.00 -6.78
C VAL A 11 -40.24 -6.84 -7.66
N PHE A 12 -40.34 -7.28 -8.92
CA PHE A 12 -39.20 -7.17 -9.83
C PHE A 12 -39.06 -5.75 -10.38
N ASN A 13 -40.15 -5.16 -10.85
CA ASN A 13 -40.14 -3.82 -11.40
C ASN A 13 -40.25 -2.73 -10.36
N ALA A 14 -40.30 -3.10 -9.07
CA ALA A 14 -40.55 -2.16 -7.98
C ALA A 14 -39.73 -0.88 -8.16
N THR A 15 -40.43 0.26 -8.06
CA THR A 15 -39.81 1.55 -8.35
C THR A 15 -38.61 1.81 -7.44
N ARG A 16 -38.79 1.65 -6.14
CA ARG A 16 -37.73 1.85 -5.17
C ARG A 16 -37.42 0.53 -4.47
N PHE A 17 -36.13 0.22 -4.36
CA PHE A 17 -35.67 -0.98 -3.69
C PHE A 17 -35.08 -0.63 -2.33
N ALA A 18 -35.27 -1.53 -1.37
CA ALA A 18 -34.73 -1.33 -0.04
C ALA A 18 -33.26 -1.74 0.01
N SER A 19 -32.56 -1.25 1.03
CA SER A 19 -31.16 -1.59 1.21
C SER A 19 -31.02 -3.03 1.66
N VAL A 20 -29.79 -3.55 1.58
CA VAL A 20 -29.57 -4.96 1.88
C VAL A 20 -29.64 -5.22 3.38
N TYR A 21 -29.22 -4.26 4.21
CA TYR A 21 -29.32 -4.45 5.65
C TYR A 21 -30.77 -4.50 6.11
N ALA A 22 -31.65 -3.77 5.43
CA ALA A 22 -33.08 -3.82 5.73
C ALA A 22 -33.84 -4.37 4.52
N TRP A 23 -33.58 -5.61 4.16
CA TRP A 23 -34.17 -6.19 2.96
C TRP A 23 -35.68 -6.33 3.12
N ASN A 24 -36.40 -6.16 2.01
CA ASN A 24 -37.85 -6.16 1.99
C ASN A 24 -38.35 -7.54 1.56
N ARG A 25 -39.21 -8.13 2.39
CA ARG A 25 -39.82 -9.43 2.11
C ARG A 25 -41.31 -9.25 1.86
N LYS A 26 -41.79 -9.77 0.74
CA LYS A 26 -43.19 -9.70 0.37
C LYS A 26 -43.74 -11.12 0.30
N ARG A 27 -44.67 -11.44 1.20
CA ARG A 27 -45.26 -12.77 1.23
C ARG A 27 -46.23 -12.94 0.06
N ILE A 28 -45.95 -13.91 -0.80
CA ILE A 28 -46.77 -14.20 -1.97
C ILE A 28 -47.54 -15.48 -1.70
N SER A 29 -48.86 -15.42 -1.79
CA SER A 29 -49.70 -16.57 -1.50
C SER A 29 -51.02 -16.44 -2.26
N ASN A 30 -51.65 -17.59 -2.49
CA ASN A 30 -52.95 -17.68 -3.15
C ASN A 30 -52.91 -17.08 -4.55
N CYS A 31 -52.12 -17.73 -5.40
CA CYS A 31 -51.96 -17.32 -6.80
C CYS A 31 -51.24 -18.43 -7.54
N VAL A 32 -51.08 -18.25 -8.85
CA VAL A 32 -50.36 -19.18 -9.71
C VAL A 32 -49.10 -18.48 -10.21
N ALA A 33 -47.96 -19.14 -10.03
CA ALA A 33 -46.67 -18.57 -10.41
C ALA A 33 -46.34 -18.93 -11.85
N ASP A 34 -46.12 -17.93 -12.69
CA ASP A 34 -45.77 -18.18 -14.08
C ASP A 34 -44.39 -18.80 -14.20
N TYR A 35 -43.41 -18.26 -13.46
CA TYR A 35 -42.04 -18.77 -13.41
C TYR A 35 -41.35 -18.73 -14.76
N SER A 36 -41.95 -19.35 -15.78
CA SER A 36 -41.34 -19.36 -17.10
C SER A 36 -41.19 -17.96 -17.68
N VAL A 37 -42.07 -17.03 -17.29
CA VAL A 37 -41.94 -15.66 -17.76
C VAL A 37 -40.69 -15.00 -17.18
N LEU A 38 -40.30 -15.38 -15.97
CA LEU A 38 -39.09 -14.82 -15.37
C LEU A 38 -37.82 -15.42 -15.95
N TYR A 39 -37.85 -16.74 -16.23
CA TYR A 39 -36.67 -17.40 -16.76
C TYR A 39 -36.44 -17.07 -18.23
N ASN A 40 -37.50 -16.73 -18.96
CA ASN A 40 -37.35 -16.41 -20.38
C ASN A 40 -36.71 -15.05 -20.58
N SER A 41 -36.84 -14.14 -19.61
CA SER A 41 -36.25 -12.82 -19.73
C SER A 41 -34.73 -12.91 -19.61
N ALA A 42 -34.02 -12.37 -20.60
CA ALA A 42 -32.57 -12.38 -20.62
C ALA A 42 -31.96 -11.12 -19.99
N SER A 43 -32.77 -10.31 -19.32
CA SER A 43 -32.28 -9.10 -18.68
C SER A 43 -31.63 -9.34 -17.33
N PHE A 44 -31.61 -10.59 -16.86
CA PHE A 44 -31.02 -10.93 -15.57
C PHE A 44 -29.59 -11.43 -15.77
N SER A 45 -28.67 -10.93 -14.94
CA SER A 45 -27.28 -11.34 -15.04
C SER A 45 -26.98 -12.61 -14.27
N THR A 46 -27.80 -12.96 -13.29
CA THR A 46 -27.61 -14.16 -12.49
C THR A 46 -28.96 -14.78 -12.18
N PHE A 47 -29.11 -16.08 -12.48
CA PHE A 47 -30.34 -16.82 -12.23
C PHE A 47 -29.94 -18.23 -11.80
N LYS A 48 -29.56 -18.36 -10.53
CA LYS A 48 -29.15 -19.64 -9.96
C LYS A 48 -30.24 -20.14 -9.02
N CYS A 49 -30.61 -21.41 -9.17
CA CYS A 49 -31.60 -22.05 -8.32
C CYS A 49 -30.96 -23.20 -7.56
N TYR A 50 -31.49 -23.48 -6.37
CA TYR A 50 -30.92 -24.49 -5.48
C TYR A 50 -32.03 -25.42 -4.99
N GLY A 51 -31.78 -26.73 -5.09
CA GLY A 51 -32.69 -27.74 -4.58
C GLY A 51 -33.84 -28.09 -5.50
N VAL A 52 -34.27 -27.16 -6.35
CA VAL A 52 -35.39 -27.38 -7.25
C VAL A 52 -35.03 -26.86 -8.63
N SER A 53 -35.44 -27.62 -9.66
CA SER A 53 -35.19 -27.19 -11.04
C SER A 53 -36.19 -26.11 -11.43
N PRO A 54 -35.76 -25.12 -12.22
CA PRO A 54 -36.69 -24.04 -12.59
C PRO A 54 -37.84 -24.52 -13.45
N THR A 55 -37.66 -25.60 -14.22
CA THR A 55 -38.74 -26.13 -15.03
C THR A 55 -39.72 -26.95 -14.20
N LYS A 56 -39.21 -27.70 -13.20
CA LYS A 56 -40.09 -28.48 -12.35
C LYS A 56 -40.96 -27.60 -11.46
N LEU A 57 -40.49 -26.38 -11.16
CA LEU A 57 -41.30 -25.46 -10.37
C LEU A 57 -42.52 -24.99 -11.14
N ASN A 58 -42.45 -24.98 -12.48
CA ASN A 58 -43.59 -24.60 -13.30
C ASN A 58 -44.71 -25.63 -13.27
N ASP A 59 -44.49 -26.78 -12.64
CA ASP A 59 -45.51 -27.82 -12.52
C ASP A 59 -45.56 -28.39 -11.11
N LEU A 60 -45.15 -27.59 -10.12
CA LEU A 60 -45.12 -28.02 -8.73
C LEU A 60 -45.90 -27.01 -7.88
N CYS A 61 -46.08 -27.36 -6.60
CA CYS A 61 -46.80 -26.54 -5.66
C CYS A 61 -46.00 -26.42 -4.36
N PHE A 62 -46.21 -25.32 -3.64
CA PHE A 62 -45.51 -25.05 -2.40
C PHE A 62 -46.48 -24.45 -1.39
N THR A 63 -46.10 -24.57 -0.11
CA THR A 63 -46.96 -24.06 0.96
C THR A 63 -46.95 -22.53 0.99
N ASN A 64 -45.79 -21.91 0.83
CA ASN A 64 -45.67 -20.46 0.80
C ASN A 64 -44.37 -20.08 0.10
N VAL A 65 -44.38 -18.93 -0.55
CA VAL A 65 -43.19 -18.39 -1.20
C VAL A 65 -42.98 -16.96 -0.72
N TYR A 66 -41.72 -16.57 -0.60
CA TYR A 66 -41.34 -15.25 -0.13
C TYR A 66 -40.37 -14.62 -1.12
N ALA A 67 -40.56 -13.33 -1.40
CA ALA A 67 -39.72 -12.58 -2.32
C ALA A 67 -38.92 -11.56 -1.53
N ASP A 68 -37.60 -11.77 -1.44
CA ASP A 68 -36.71 -10.87 -0.71
C ASP A 68 -35.94 -10.02 -1.73
N SER A 69 -36.17 -8.72 -1.70
CA SER A 69 -35.57 -7.80 -2.65
C SER A 69 -34.69 -6.79 -1.92
N PHE A 70 -33.51 -6.52 -2.49
CA PHE A 70 -32.57 -5.55 -1.96
C PHE A 70 -31.61 -5.15 -3.08
N VAL A 71 -30.60 -4.35 -2.73
CA VAL A 71 -29.62 -3.86 -3.69
C VAL A 71 -28.23 -4.02 -3.09
N ILE A 72 -27.32 -4.61 -3.85
CA ILE A 72 -25.92 -4.74 -3.45
C ILE A 72 -25.05 -4.31 -4.62
N ARG A 73 -23.80 -4.79 -4.63
CA ARG A 73 -22.86 -4.52 -5.71
C ARG A 73 -22.63 -5.78 -6.52
N GLY A 74 -21.90 -5.61 -7.63
CA GLY A 74 -21.69 -6.73 -8.54
C GLY A 74 -20.88 -7.86 -7.91
N ASP A 75 -19.72 -7.53 -7.34
CA ASP A 75 -18.86 -8.53 -6.75
C ASP A 75 -19.44 -9.16 -5.49
N GLU A 76 -20.56 -8.63 -4.98
CA GLU A 76 -21.20 -9.18 -3.79
C GLU A 76 -22.37 -10.09 -4.11
N VAL A 77 -22.73 -10.23 -5.39
CA VAL A 77 -23.83 -11.11 -5.76
C VAL A 77 -23.47 -12.57 -5.49
N ARG A 78 -22.19 -12.91 -5.58
CA ARG A 78 -21.77 -14.28 -5.30
C ARG A 78 -21.97 -14.66 -3.84
N GLN A 79 -22.15 -13.68 -2.96
CA GLN A 79 -22.40 -13.97 -1.54
C GLN A 79 -23.86 -14.36 -1.28
N ILE A 80 -24.77 -14.01 -2.19
CA ILE A 80 -26.17 -14.40 -2.03
C ILE A 80 -26.33 -15.84 -2.51
N ALA A 81 -25.82 -16.77 -1.71
CA ALA A 81 -25.85 -18.19 -2.05
C ALA A 81 -25.64 -18.98 -0.76
N PRO A 82 -26.11 -20.23 -0.71
CA PRO A 82 -25.92 -21.03 0.50
C PRO A 82 -24.45 -21.24 0.82
N GLY A 83 -24.12 -21.16 2.11
CA GLY A 83 -22.76 -21.42 2.55
C GLY A 83 -21.75 -20.40 2.07
N GLN A 84 -22.12 -19.12 2.08
CA GLN A 84 -21.24 -18.05 1.63
C GLN A 84 -20.79 -17.19 2.80
N THR A 85 -19.61 -16.59 2.65
CA THR A 85 -19.04 -15.71 3.65
C THR A 85 -18.78 -14.33 3.02
N GLY A 86 -18.74 -13.33 3.89
CA GLY A 86 -18.53 -11.97 3.44
C GLY A 86 -19.30 -10.96 4.26
N LYS A 87 -19.08 -9.67 4.00
CA LYS A 87 -19.77 -8.64 4.75
C LYS A 87 -21.28 -8.66 4.51
N ILE A 88 -21.71 -9.10 3.34
CA ILE A 88 -23.15 -9.17 3.05
C ILE A 88 -23.75 -10.44 3.63
N ALA A 89 -23.09 -11.58 3.45
CA ALA A 89 -23.64 -12.85 3.89
C ALA A 89 -23.59 -13.01 5.41
N ASP A 90 -22.77 -12.24 6.10
CA ASP A 90 -22.63 -12.35 7.55
C ASP A 90 -23.40 -11.28 8.32
N TYR A 91 -23.45 -10.05 7.79
CA TYR A 91 -24.01 -8.93 8.53
C TYR A 91 -25.28 -8.37 7.91
N ASN A 92 -25.66 -8.79 6.70
CA ASN A 92 -26.80 -8.20 6.01
C ASN A 92 -27.86 -9.25 5.65
N TYR A 93 -27.53 -10.21 4.79
CA TYR A 93 -28.50 -11.19 4.33
C TYR A 93 -27.80 -12.55 4.23
N LYS A 94 -28.22 -13.49 5.08
CA LYS A 94 -27.63 -14.82 5.13
C LYS A 94 -28.63 -15.84 4.61
N LEU A 95 -28.19 -16.64 3.63
CA LEU A 95 -29.00 -17.73 3.10
C LEU A 95 -28.68 -19.04 3.81
N PRO A 96 -29.67 -19.88 4.07
CA PRO A 96 -29.41 -21.14 4.77
C PRO A 96 -28.57 -22.09 3.94
N ASP A 97 -27.83 -22.96 4.63
CA ASP A 97 -27.05 -23.99 3.94
C ASP A 97 -27.94 -25.03 3.27
N ASP A 98 -29.25 -25.03 3.56
CA ASP A 98 -30.21 -25.91 2.92
C ASP A 98 -31.24 -25.12 2.12
N PHE A 99 -30.81 -23.97 1.58
CA PHE A 99 -31.74 -23.07 0.88
C PHE A 99 -32.34 -23.74 -0.34
N THR A 100 -33.66 -23.71 -0.43
CA THR A 100 -34.41 -24.26 -1.56
C THR A 100 -35.14 -23.09 -2.23
N GLY A 101 -34.58 -22.60 -3.32
CA GLY A 101 -35.17 -21.48 -4.04
C GLY A 101 -34.31 -21.01 -5.19
N CYS A 102 -34.41 -19.73 -5.56
CA CYS A 102 -33.67 -19.18 -6.67
C CYS A 102 -33.14 -17.79 -6.31
N VAL A 103 -31.95 -17.47 -6.80
CA VAL A 103 -31.32 -16.18 -6.60
C VAL A 103 -31.27 -15.47 -7.95
N ILE A 104 -32.00 -14.37 -8.07
CA ILE A 104 -32.12 -13.62 -9.31
C ILE A 104 -31.53 -12.23 -9.10
N ALA A 105 -30.69 -11.79 -10.03
CA ALA A 105 -30.02 -10.50 -9.92
C ALA A 105 -29.79 -9.94 -11.31
N TRP A 106 -29.87 -8.61 -11.43
CA TRP A 106 -29.63 -7.92 -12.68
C TRP A 106 -29.00 -6.57 -12.39
N ASN A 107 -28.30 -6.05 -13.39
CA ASN A 107 -27.63 -4.76 -13.25
C ASN A 107 -28.64 -3.63 -13.31
N SER A 108 -28.43 -2.62 -12.47
CA SER A 108 -29.31 -1.45 -12.40
C SER A 108 -28.50 -0.17 -12.30
N ASN A 109 -27.44 -0.06 -13.12
CA ASN A 109 -26.60 1.12 -13.08
C ASN A 109 -27.32 2.34 -13.66
N ASN A 110 -28.24 2.12 -14.60
CA ASN A 110 -29.01 3.21 -15.21
C ASN A 110 -30.27 3.56 -14.42
N LEU A 111 -30.27 3.31 -13.11
CA LEU A 111 -31.44 3.58 -12.29
C LEU A 111 -31.04 4.04 -10.90
N ASP A 112 -30.29 3.21 -10.18
CA ASP A 112 -29.90 3.48 -8.81
C ASP A 112 -28.59 4.25 -8.70
N SER A 113 -27.95 4.56 -9.82
CA SER A 113 -26.69 5.30 -9.84
C SER A 113 -26.91 6.68 -10.43
N LYS A 114 -26.34 7.69 -9.76
CA LYS A 114 -26.44 9.07 -10.20
C LYS A 114 -25.04 9.67 -10.31
N VAL A 115 -24.91 10.64 -11.22
CA VAL A 115 -23.63 11.33 -11.39
C VAL A 115 -23.33 12.12 -10.12
N GLY A 116 -22.10 11.99 -9.63
CA GLY A 116 -21.72 12.56 -8.36
C GLY A 116 -21.89 11.63 -7.18
N GLY A 117 -22.64 10.54 -7.33
CA GLY A 117 -22.78 9.57 -6.27
C GLY A 117 -24.17 9.49 -5.68
N ASN A 118 -24.73 8.28 -5.63
CA ASN A 118 -26.02 8.02 -4.98
C ASN A 118 -25.73 7.24 -3.71
N TYR A 119 -25.82 7.91 -2.57
CA TYR A 119 -25.45 7.34 -1.27
C TYR A 119 -26.67 7.07 -0.40
N ASN A 120 -27.77 6.64 -1.02
CA ASN A 120 -29.00 6.34 -0.28
C ASN A 120 -29.11 4.87 0.10
N TYR A 121 -28.35 3.99 -0.54
CA TYR A 121 -28.36 2.57 -0.21
C TYR A 121 -27.30 2.29 0.84
N LEU A 122 -27.68 1.60 1.90
CA LEU A 122 -26.82 1.34 3.04
C LEU A 122 -26.58 -0.16 3.18
N TYR A 123 -25.61 -0.50 4.03
CA TYR A 123 -25.32 -1.90 4.36
C TYR A 123 -24.54 -1.94 5.67
N ARG A 124 -24.83 -2.96 6.48
CA ARG A 124 -24.21 -3.06 7.79
C ARG A 124 -22.75 -3.44 7.65
N LEU A 125 -21.88 -2.68 8.32
CA LEU A 125 -20.44 -2.88 8.24
C LEU A 125 -19.85 -3.55 9.47
N PHE A 126 -20.44 -3.33 10.64
CA PHE A 126 -19.97 -3.90 11.89
C PHE A 126 -21.08 -4.71 12.55
N ARG A 127 -20.71 -5.86 13.11
CA ARG A 127 -21.62 -6.68 13.91
C ARG A 127 -20.81 -7.71 14.66
N LYS A 128 -21.16 -7.93 15.93
CA LYS A 128 -20.39 -8.79 16.82
C LYS A 128 -20.58 -10.27 16.53
N SER A 129 -21.62 -10.66 15.80
CA SER A 129 -21.87 -12.06 15.52
C SER A 129 -22.59 -12.20 14.18
N ASN A 130 -22.32 -13.30 13.49
CA ASN A 130 -22.92 -13.52 12.18
C ASN A 130 -24.43 -13.68 12.30
N LEU A 131 -25.12 -13.39 11.21
CA LEU A 131 -26.57 -13.44 11.19
C LEU A 131 -27.07 -14.88 11.10
N LYS A 132 -28.26 -15.10 11.65
CA LYS A 132 -28.98 -16.34 11.45
C LYS A 132 -29.59 -16.35 10.06
N PRO A 133 -29.92 -17.53 9.53
CA PRO A 133 -30.54 -17.59 8.20
C PRO A 133 -31.86 -16.83 8.18
N PHE A 134 -31.99 -15.92 7.19
CA PHE A 134 -33.17 -15.09 7.01
C PHE A 134 -33.36 -14.10 8.16
N GLU A 135 -32.28 -13.67 8.79
CA GLU A 135 -32.36 -12.67 9.85
C GLU A 135 -32.24 -11.28 9.26
N ARG A 136 -32.86 -10.30 9.93
CA ARG A 136 -32.93 -8.93 9.46
C ARG A 136 -32.54 -8.00 10.60
N ASP A 137 -31.46 -7.23 10.41
CA ASP A 137 -30.97 -6.31 11.41
C ASP A 137 -31.14 -4.88 10.92
N ILE A 138 -31.79 -4.05 11.74
CA ILE A 138 -32.01 -2.65 11.41
C ILE A 138 -31.56 -1.77 12.57
N SER A 139 -30.78 -2.35 13.49
CA SER A 139 -30.34 -1.63 14.67
C SER A 139 -29.24 -0.64 14.31
N THR A 140 -29.43 0.62 14.71
CA THR A 140 -28.44 1.67 14.51
C THR A 140 -27.50 1.84 15.70
N GLU A 141 -27.29 0.77 16.48
CA GLU A 141 -26.49 0.87 17.69
C GLU A 141 -25.02 1.00 17.33
N ILE A 142 -24.34 1.96 17.99
CA ILE A 142 -22.91 2.17 17.75
C ILE A 142 -22.14 0.94 18.19
N TYR A 143 -21.23 0.48 17.34
CA TYR A 143 -20.48 -0.73 17.59
C TYR A 143 -19.19 -0.43 18.34
N GLN A 144 -18.88 -1.25 19.33
CA GLN A 144 -17.65 -1.15 20.11
C GLN A 144 -16.62 -2.11 19.52
N ALA A 145 -15.55 -1.56 18.96
CA ALA A 145 -14.53 -2.37 18.31
C ALA A 145 -13.42 -2.77 19.28
N GLY A 146 -12.87 -1.80 20.02
CA GLY A 146 -11.81 -2.06 20.96
C GLY A 146 -12.32 -2.31 22.37
N SER A 147 -11.39 -2.32 23.32
CA SER A 147 -11.72 -2.52 24.72
C SER A 147 -12.37 -1.29 25.36
N THR A 148 -12.29 -0.13 24.72
CA THR A 148 -12.86 1.08 25.29
C THR A 148 -14.38 1.01 25.25
N PRO A 149 -15.06 1.36 26.34
CA PRO A 149 -16.53 1.39 26.31
C PRO A 149 -17.04 2.48 25.37
N CYS A 150 -18.12 2.17 24.67
CA CYS A 150 -18.71 3.07 23.69
C CYS A 150 -20.02 3.58 24.27
N ASN A 151 -20.01 4.79 24.83
CA ASN A 151 -21.17 5.35 25.50
C ASN A 151 -22.09 6.05 24.50
N GLY A 152 -22.43 5.37 23.41
CA GLY A 152 -23.34 5.92 22.43
C GLY A 152 -22.81 7.14 21.69
N VAL A 153 -21.50 7.31 21.60
CA VAL A 153 -20.89 8.43 20.90
C VAL A 153 -19.84 7.89 19.93
N GLU A 154 -19.88 8.37 18.69
CA GLU A 154 -18.95 7.89 17.69
C GLU A 154 -17.55 8.45 17.91
N GLY A 155 -16.55 7.72 17.44
CA GLY A 155 -15.17 8.14 17.59
C GLY A 155 -14.23 6.98 17.32
N PHE A 156 -13.06 7.03 17.97
CA PHE A 156 -12.07 5.97 17.83
C PHE A 156 -12.61 4.68 18.45
N ASN A 157 -12.64 3.60 17.66
CA ASN A 157 -13.24 2.33 18.06
C ASN A 157 -14.70 2.52 18.46
N CYS A 158 -15.36 3.52 17.88
CA CYS A 158 -16.78 3.81 18.11
C CYS A 158 -17.34 4.25 16.76
N TYR A 159 -17.82 3.27 15.99
CA TYR A 159 -18.22 3.52 14.61
C TYR A 159 -19.69 3.20 14.41
N PHE A 160 -20.34 4.00 13.57
CA PHE A 160 -21.71 3.71 13.18
C PHE A 160 -21.75 2.42 12.38
N PRO A 161 -22.65 1.48 12.69
CA PRO A 161 -22.57 0.16 12.04
C PRO A 161 -22.90 0.19 10.56
N LEU A 162 -23.75 1.11 10.11
CA LEU A 162 -24.15 1.16 8.71
C LEU A 162 -23.18 2.04 7.92
N GLN A 163 -22.87 1.60 6.70
CA GLN A 163 -22.03 2.35 5.78
C GLN A 163 -22.77 2.49 4.46
N SER A 164 -22.59 3.64 3.80
CA SER A 164 -23.31 3.94 2.58
C SER A 164 -22.55 3.46 1.35
N TYR A 165 -23.31 3.09 0.32
CA TYR A 165 -22.71 2.68 -0.94
C TYR A 165 -22.35 3.89 -1.79
N GLY A 166 -21.27 3.75 -2.55
CA GLY A 166 -20.86 4.78 -3.50
C GLY A 166 -21.15 4.37 -4.92
N PHE A 167 -22.32 4.76 -5.44
CA PHE A 167 -22.78 4.35 -6.76
C PHE A 167 -22.65 5.52 -7.72
N GLN A 168 -21.66 5.46 -8.60
CA GLN A 168 -21.46 6.42 -9.67
C GLN A 168 -21.47 5.68 -11.02
N PRO A 169 -22.00 6.32 -12.07
CA PRO A 169 -22.04 5.64 -13.38
C PRO A 169 -20.65 5.37 -13.95
N THR A 170 -19.61 6.01 -13.44
CA THR A 170 -18.25 5.79 -13.90
C THR A 170 -17.55 4.65 -13.18
N ASN A 171 -18.25 3.93 -12.30
CA ASN A 171 -17.65 2.82 -11.58
C ASN A 171 -17.49 1.61 -12.49
N GLY A 172 -16.64 0.68 -12.06
CA GLY A 172 -16.41 -0.53 -12.82
C GLY A 172 -17.63 -1.43 -12.86
N VAL A 173 -17.54 -2.45 -13.71
CA VAL A 173 -18.65 -3.38 -13.89
C VAL A 173 -18.93 -4.16 -12.61
N GLY A 174 -17.92 -4.33 -11.77
CA GLY A 174 -18.07 -5.04 -10.51
C GLY A 174 -18.38 -4.17 -9.32
N TYR A 175 -18.68 -2.88 -9.53
CA TYR A 175 -18.97 -1.97 -8.43
C TYR A 175 -20.22 -1.13 -8.73
N GLN A 176 -21.11 -1.66 -9.56
CA GLN A 176 -22.35 -0.99 -9.92
C GLN A 176 -23.51 -1.57 -9.13
N PRO A 177 -24.59 -0.80 -8.96
CA PRO A 177 -25.75 -1.31 -8.20
C PRO A 177 -26.43 -2.45 -8.93
N TYR A 178 -26.59 -3.57 -8.23
CA TYR A 178 -27.31 -4.74 -8.74
C TYR A 178 -28.51 -5.00 -7.84
N ARG A 179 -29.69 -5.09 -8.45
CA ARG A 179 -30.90 -5.41 -7.72
C ARG A 179 -31.10 -6.92 -7.67
N VAL A 180 -31.24 -7.45 -6.45
CA VAL A 180 -31.30 -8.89 -6.22
C VAL A 180 -32.66 -9.24 -5.66
N VAL A 181 -33.23 -10.34 -6.16
CA VAL A 181 -34.50 -10.88 -5.67
C VAL A 181 -34.28 -12.35 -5.33
N VAL A 182 -34.53 -12.71 -4.08
CA VAL A 182 -34.36 -14.08 -3.59
C VAL A 182 -35.73 -14.67 -3.32
N LEU A 183 -36.01 -15.82 -3.93
CA LEU A 183 -37.30 -16.50 -3.79
C LEU A 183 -37.11 -17.71 -2.88
N SER A 184 -37.71 -17.66 -1.70
CA SER A 184 -37.66 -18.76 -0.73
C SER A 184 -38.95 -19.56 -0.83
N PHE A 185 -38.82 -20.86 -1.07
CA PHE A 185 -39.96 -21.75 -1.25
C PHE A 185 -40.21 -22.50 0.05
N GLU A 186 -41.13 -22.00 0.85
CA GLU A 186 -41.51 -22.65 2.10
C GLU A 186 -42.51 -23.74 1.80
N LEU A 187 -42.13 -24.99 2.08
CA LEU A 187 -43.00 -26.13 1.81
C LEU A 187 -43.28 -26.91 3.09
N ALA A 190 -49.40 -29.05 5.15
CA ALA A 190 -50.18 -27.83 4.93
C ALA A 190 -50.59 -27.70 3.46
N PRO A 191 -51.79 -27.16 3.22
CA PRO A 191 -52.25 -26.99 1.84
C PRO A 191 -51.34 -26.04 1.06
N ALA A 192 -51.14 -26.38 -0.21
CA ALA A 192 -50.29 -25.57 -1.09
C ALA A 192 -51.08 -24.37 -1.60
N THR A 193 -50.46 -23.18 -1.53
CA THR A 193 -51.11 -21.95 -1.94
C THR A 193 -50.55 -21.34 -3.22
N VAL A 194 -49.36 -21.77 -3.66
CA VAL A 194 -48.73 -21.26 -4.87
C VAL A 194 -48.37 -22.46 -5.73
N CYS A 195 -49.00 -22.56 -6.90
CA CYS A 195 -48.76 -23.66 -7.82
C CYS A 195 -48.32 -23.13 -9.18
N GLY A 196 -47.76 -24.02 -9.99
CA GLY A 196 -47.40 -23.70 -11.34
C GLY A 196 -48.52 -24.03 -12.30
N PRO A 197 -48.42 -23.58 -13.55
CA PRO A 197 -49.47 -23.89 -14.53
C PRO A 197 -49.66 -25.38 -14.77
N GLY A 198 -48.64 -26.20 -14.51
CA GLY A 198 -48.77 -27.64 -14.72
C GLY A 198 -49.67 -28.30 -13.71
N SER A 199 -49.27 -28.28 -12.44
CA SER A 199 -50.02 -28.89 -11.34
C SER A 199 -50.34 -30.35 -11.62
N VAL B 2 -6.35 -2.73 -6.02
CA VAL B 2 -6.55 -1.48 -5.29
C VAL B 2 -5.22 -0.75 -5.12
N GLN B 3 -5.18 0.50 -5.59
CA GLN B 3 -3.98 1.32 -5.48
C GLN B 3 -4.37 2.72 -5.05
N LEU B 4 -3.39 3.44 -4.50
CA LEU B 4 -3.63 4.79 -3.97
C LEU B 4 -2.63 5.75 -4.60
N GLN B 5 -3.14 6.75 -5.32
CA GLN B 5 -2.34 7.83 -5.85
C GLN B 5 -2.31 8.99 -4.86
N GLN B 6 -1.23 9.76 -4.89
CA GLN B 6 -1.03 10.81 -3.89
C GLN B 6 -0.38 12.04 -4.51
N TRP B 7 -0.90 13.20 -4.14
CA TRP B 7 -0.34 14.50 -4.49
C TRP B 7 0.01 15.25 -3.21
N GLY B 8 0.69 16.37 -3.37
CA GLY B 8 1.02 17.23 -2.24
C GLY B 8 2.36 17.92 -2.43
N ALA B 9 2.46 19.12 -1.84
CA ALA B 9 3.70 19.88 -1.90
C ALA B 9 4.75 19.27 -0.97
N GLY B 10 6.02 19.44 -1.35
CA GLY B 10 7.10 18.83 -0.61
C GLY B 10 7.98 19.80 0.15
N LEU B 11 7.81 21.10 -0.09
CA LEU B 11 8.63 22.12 0.57
C LEU B 11 7.73 23.24 1.03
N LEU B 12 7.66 23.46 2.34
CA LEU B 12 6.85 24.51 2.93
C LEU B 12 7.70 25.32 3.91
N LYS B 13 7.22 26.50 4.24
CA LYS B 13 7.87 27.36 5.22
C LYS B 13 7.38 27.02 6.63
N PRO B 14 8.17 27.37 7.65
CA PRO B 14 7.77 27.02 9.03
C PRO B 14 6.55 27.77 9.54
N SER B 15 5.89 28.54 8.66
CA SER B 15 4.68 29.25 9.04
C SER B 15 3.53 29.07 8.05
N GLU B 16 3.70 28.22 7.03
CA GLU B 16 2.67 28.04 6.02
C GLU B 16 1.69 26.94 6.40
N THR B 17 1.10 26.29 5.39
CA THR B 17 0.08 25.28 5.60
C THR B 17 0.38 24.05 4.75
N LEU B 18 0.42 22.89 5.39
CA LEU B 18 0.60 21.64 4.67
C LEU B 18 -0.70 21.25 3.97
N SER B 19 -0.58 20.73 2.75
CA SER B 19 -1.74 20.30 1.98
C SER B 19 -1.36 19.05 1.20
N LEU B 20 -2.09 17.96 1.43
CA LEU B 20 -1.85 16.69 0.77
C LEU B 20 -3.19 16.05 0.42
N THR B 21 -3.32 15.59 -0.83
CA THR B 21 -4.48 14.85 -1.28
C THR B 21 -4.07 13.44 -1.66
N CYS B 22 -5.05 12.54 -1.69
CA CYS B 22 -4.77 11.14 -1.99
C CYS B 22 -6.02 10.52 -2.58
N VAL B 23 -5.89 9.98 -3.80
CA VAL B 23 -7.02 9.43 -4.53
C VAL B 23 -6.93 7.91 -4.54
N VAL B 24 -8.10 7.26 -4.59
CA VAL B 24 -8.20 5.80 -4.57
C VAL B 24 -8.69 5.33 -5.93
N TYR B 25 -8.09 4.25 -6.42
CA TYR B 25 -8.43 3.70 -7.73
C TYR B 25 -8.81 2.23 -7.60
N GLY B 26 -9.77 1.80 -8.40
CA GLY B 26 -10.21 0.42 -8.40
C GLY B 26 -11.01 0.01 -7.19
N GLU B 27 -11.55 0.97 -6.45
CA GLU B 27 -12.27 0.68 -5.21
C GLU B 27 -13.04 1.91 -4.78
N THR B 28 -14.33 1.72 -4.48
CA THR B 28 -15.13 2.79 -3.90
C THR B 28 -14.79 2.94 -2.42
N LEU B 29 -14.79 4.19 -1.95
CA LEU B 29 -14.39 4.49 -0.58
C LEU B 29 -15.53 4.22 0.40
N SER B 30 -16.16 3.05 0.28
CA SER B 30 -17.32 2.71 1.10
C SER B 30 -16.91 2.10 2.43
N GLY B 31 -16.72 0.77 2.45
CA GLY B 31 -16.41 0.07 3.67
C GLY B 31 -14.99 0.25 4.16
N TYR B 32 -14.49 1.48 4.12
CA TYR B 32 -13.14 1.79 4.54
C TYR B 32 -13.15 3.04 5.42
N TYR B 33 -12.23 3.07 6.37
CA TYR B 33 -12.00 4.25 7.21
C TYR B 33 -10.60 4.76 6.86
N TRP B 34 -10.57 5.73 5.94
CA TRP B 34 -9.30 6.21 5.39
C TRP B 34 -8.60 7.10 6.40
N THR B 35 -7.30 6.86 6.59
CA THR B 35 -6.51 7.54 7.60
C THR B 35 -5.20 8.04 7.01
N TRP B 36 -4.57 8.97 7.72
CA TRP B 36 -3.25 9.47 7.40
C TRP B 36 -2.29 9.08 8.51
N ILE B 37 -1.15 8.50 8.15
CA ILE B 37 -0.13 8.09 9.10
C ILE B 37 1.22 8.62 8.63
N ARG B 38 2.00 9.17 9.56
CA ARG B 38 3.28 9.77 9.24
C ARG B 38 4.37 9.15 10.10
N GLN B 39 5.62 9.34 9.66
CA GLN B 39 6.78 8.85 10.39
C GLN B 39 7.94 9.78 10.13
N SER B 40 8.35 10.54 11.15
CA SER B 40 9.55 11.34 11.05
C SER B 40 10.78 10.43 11.10
N PRO B 41 11.93 10.89 10.59
CA PRO B 41 13.14 10.04 10.59
C PRO B 41 13.50 9.51 11.97
N GLY B 42 13.31 8.20 12.14
CA GLY B 42 13.60 7.54 13.40
C GLY B 42 12.63 7.82 14.52
N LYS B 43 11.61 8.64 14.29
CA LYS B 43 10.66 8.97 15.35
C LYS B 43 9.75 7.80 15.67
N GLY B 44 9.30 7.08 14.64
CA GLY B 44 8.28 6.08 14.80
C GLY B 44 6.94 6.56 14.26
N LEU B 45 6.07 5.60 13.97
CA LEU B 45 4.79 5.92 13.34
C LEU B 45 3.88 6.65 14.30
N GLU B 46 3.20 7.68 13.79
CA GLU B 46 2.22 8.45 14.55
C GLU B 46 0.93 8.51 13.76
N TRP B 47 -0.18 8.18 14.42
CA TRP B 47 -1.49 8.17 13.78
C TRP B 47 -2.06 9.58 13.79
N ILE B 48 -2.27 10.14 12.60
CA ILE B 48 -2.77 11.51 12.50
C ILE B 48 -4.28 11.55 12.71
N GLY B 49 -5.02 10.90 11.83
CA GLY B 49 -6.48 10.90 11.94
C GLY B 49 -7.09 10.14 10.78
N GLU B 50 -8.35 9.77 10.96
CA GLU B 50 -9.07 8.99 9.98
C GLU B 50 -10.41 9.66 9.65
N ILE B 51 -10.94 9.29 8.48
CA ILE B 51 -12.22 9.84 8.01
C ILE B 51 -12.88 8.76 7.15
N SER B 52 -14.21 8.86 7.03
CA SER B 52 -15.00 7.90 6.28
C SER B 52 -15.73 8.63 5.15
N LEU B 53 -16.55 7.87 4.41
CA LEU B 53 -17.32 8.45 3.32
C LEU B 53 -18.38 9.42 3.85
N ARG B 54 -18.99 9.09 4.99
CA ARG B 54 -20.03 9.94 5.55
C ARG B 54 -19.49 11.22 6.18
N GLY B 55 -18.17 11.35 6.29
CA GLY B 55 -17.57 12.57 6.81
C GLY B 55 -17.19 12.54 8.27
N THR B 56 -17.49 11.47 8.99
CA THR B 56 -17.11 11.38 10.39
C THR B 56 -15.59 11.40 10.53
N ALA B 57 -15.10 12.23 11.45
CA ALA B 57 -13.67 12.48 11.59
C ALA B 57 -13.21 12.13 12.99
N ASN B 58 -12.14 11.34 13.08
CA ASN B 58 -11.44 11.05 14.32
C ASN B 58 -10.02 11.56 14.21
N TYR B 59 -9.54 12.24 15.26
CA TYR B 59 -8.23 12.86 15.23
C TYR B 59 -7.40 12.42 16.43
N ASN B 60 -6.09 12.63 16.31
CA ASN B 60 -5.17 12.40 17.42
C ASN B 60 -5.24 13.58 18.39
N PRO B 61 -5.27 13.31 19.70
CA PRO B 61 -5.43 14.41 20.66
C PRO B 61 -4.29 15.43 20.64
N SER B 62 -3.10 15.05 20.18
CA SER B 62 -1.98 15.98 20.17
C SER B 62 -2.16 17.05 19.10
N LEU B 63 -2.41 16.62 17.85
CA LEU B 63 -2.54 17.54 16.72
C LEU B 63 -3.98 17.75 16.30
N LYS B 64 -4.93 17.59 17.22
CA LYS B 64 -6.33 17.78 16.89
C LYS B 64 -6.67 19.23 16.54
N SER B 65 -5.86 20.18 17.02
CA SER B 65 -6.16 21.59 16.79
C SER B 65 -5.69 22.08 15.43
N ARG B 66 -4.66 21.44 14.86
CA ARG B 66 -4.05 21.91 13.62
C ARG B 66 -4.48 21.14 12.39
N VAL B 67 -5.15 20.00 12.55
CA VAL B 67 -5.50 19.13 11.44
C VAL B 67 -6.98 19.34 11.10
N THR B 68 -7.26 19.50 9.80
CA THR B 68 -8.62 19.64 9.29
C THR B 68 -8.72 18.72 8.06
N LEU B 69 -9.20 17.50 8.28
CA LEU B 69 -9.34 16.55 7.19
C LEU B 69 -10.53 16.92 6.31
N SER B 70 -10.63 16.23 5.17
CA SER B 70 -11.74 16.41 4.24
C SER B 70 -11.91 15.13 3.45
N VAL B 71 -12.97 15.08 2.65
CA VAL B 71 -13.28 13.91 1.83
C VAL B 71 -14.12 14.37 0.65
N GLU B 72 -13.74 13.93 -0.55
CA GLU B 72 -14.46 14.24 -1.79
C GLU B 72 -14.91 12.91 -2.39
N ALA B 73 -16.13 12.49 -2.04
CA ALA B 73 -16.64 11.22 -2.53
C ALA B 73 -16.90 11.24 -4.04
N SER B 74 -16.96 12.42 -4.64
CA SER B 74 -17.18 12.51 -6.08
C SER B 74 -15.95 12.06 -6.85
N LYS B 75 -14.78 12.58 -6.48
CA LYS B 75 -13.53 12.23 -7.14
C LYS B 75 -12.81 11.06 -6.46
N ASN B 76 -13.44 10.43 -5.48
CA ASN B 76 -12.84 9.32 -4.72
C ASN B 76 -11.50 9.73 -4.11
N GLN B 77 -11.49 10.91 -3.49
CA GLN B 77 -10.28 11.47 -2.91
C GLN B 77 -10.57 12.00 -1.51
N PHE B 78 -9.50 12.18 -0.75
CA PHE B 78 -9.57 12.76 0.58
C PHE B 78 -8.28 13.51 0.84
N SER B 79 -8.37 14.63 1.55
CA SER B 79 -7.24 15.54 1.73
C SER B 79 -6.85 15.62 3.19
N LEU B 80 -5.71 16.28 3.43
CA LEU B 80 -5.20 16.53 4.77
C LEU B 80 -4.54 17.90 4.78
N LYS B 81 -4.94 18.74 5.72
CA LYS B 81 -4.42 20.10 5.83
C LYS B 81 -3.97 20.35 7.26
N MET B 82 -2.77 20.92 7.40
CA MET B 82 -2.21 21.27 8.70
C MET B 82 -1.94 22.77 8.75
N THR B 83 -2.22 23.38 9.90
CA THR B 83 -2.02 24.81 10.09
C THR B 83 -0.78 25.06 10.94
N SER B 84 0.03 26.02 10.52
CA SER B 84 1.27 26.41 11.20
C SER B 84 2.17 25.18 11.41
N VAL B 85 2.72 24.72 10.29
CA VAL B 85 3.60 23.55 10.30
C VAL B 85 5.00 23.98 10.74
N THR B 86 5.51 23.33 11.77
CA THR B 86 6.85 23.61 12.28
C THR B 86 7.86 22.67 11.64
N ALA B 87 9.12 22.78 12.06
CA ALA B 87 10.16 21.90 11.55
C ALA B 87 9.99 20.47 12.03
N ALA B 88 9.34 20.27 13.18
CA ALA B 88 9.11 18.92 13.70
C ALA B 88 8.09 18.14 12.88
N ASP B 89 7.38 18.80 11.97
CA ASP B 89 6.39 18.14 11.12
C ASP B 89 7.00 17.54 9.86
N THR B 90 8.30 17.71 9.65
CA THR B 90 8.98 17.14 8.48
C THR B 90 9.00 15.62 8.61
N ALA B 91 8.24 14.94 7.76
CA ALA B 91 8.11 13.49 7.83
C ALA B 91 7.60 12.99 6.49
N VAL B 92 7.53 11.67 6.36
CA VAL B 92 6.92 11.03 5.20
C VAL B 92 5.47 10.72 5.54
N TYR B 93 4.55 11.30 4.77
CA TYR B 93 3.12 11.21 5.06
C TYR B 93 2.49 10.15 4.16
N TYR B 94 1.95 9.10 4.78
CA TYR B 94 1.26 8.03 4.08
C TYR B 94 -0.24 8.24 4.18
N CYS B 95 -0.95 7.96 3.08
CA CYS B 95 -2.40 7.87 3.10
C CYS B 95 -2.77 6.40 3.05
N VAL B 96 -3.46 5.92 4.08
CA VAL B 96 -3.70 4.49 4.26
C VAL B 96 -5.20 4.25 4.38
N GLY B 97 -5.65 3.09 3.88
CA GLY B 97 -7.03 2.69 3.98
C GLY B 97 -7.25 1.78 5.17
N GLY B 98 -8.36 2.01 5.87
CA GLY B 98 -8.70 1.20 7.02
C GLY B 98 -9.73 0.13 6.72
N VAL B 99 -9.27 -1.10 6.50
CA VAL B 99 -10.15 -2.22 6.20
C VAL B 99 -10.97 -2.56 7.44
N VAL B 100 -12.00 -3.39 7.26
CA VAL B 100 -12.82 -3.87 8.36
C VAL B 100 -12.76 -5.39 8.31
N LEU B 101 -11.76 -5.96 8.98
CA LEU B 101 -11.53 -7.40 8.99
C LEU B 101 -11.89 -7.95 10.38
N ASP B 102 -12.98 -8.72 10.45
CA ASP B 102 -13.44 -9.34 11.68
C ASP B 102 -13.68 -8.28 12.76
N ASN B 103 -14.39 -7.21 12.38
CA ASN B 103 -14.77 -6.11 13.26
C ASN B 103 -13.56 -5.38 13.84
N VAL B 104 -12.38 -5.58 13.27
CA VAL B 104 -11.17 -4.87 13.68
C VAL B 104 -10.64 -4.11 12.48
N VAL B 105 -10.46 -2.80 12.65
CA VAL B 105 -10.03 -1.92 11.57
C VAL B 105 -8.50 -1.94 11.51
N TRP B 106 -7.97 -2.61 10.49
CA TRP B 106 -6.53 -2.67 10.26
C TRP B 106 -6.18 -1.78 9.07
N PHE B 107 -4.92 -1.85 8.62
CA PHE B 107 -4.40 -1.00 7.55
C PHE B 107 -3.76 -1.91 6.50
N ASP B 108 -4.55 -2.31 5.50
CA ASP B 108 -4.05 -3.20 4.46
C ASP B 108 -3.52 -2.41 3.27
N PRO B 109 -4.29 -1.48 2.67
CA PRO B 109 -3.74 -0.76 1.49
C PRO B 109 -2.89 0.47 1.84
N TRP B 110 -1.62 0.22 2.13
CA TRP B 110 -0.69 1.30 2.42
C TRP B 110 -0.25 1.99 1.14
N GLY B 111 0.21 3.23 1.30
CA GLY B 111 0.71 4.03 0.20
C GLY B 111 2.23 4.22 0.30
N GLN B 112 2.79 4.70 -0.81
CA GLN B 112 4.23 4.93 -0.87
C GLN B 112 4.64 6.06 0.08
N GLY B 113 3.96 7.18 0.01
CA GLY B 113 4.24 8.31 0.87
C GLY B 113 4.97 9.41 0.14
N ILE B 114 4.77 10.65 0.63
CA ILE B 114 5.40 11.82 0.04
C ILE B 114 6.01 12.64 1.19
N PRO B 115 7.31 12.89 1.19
CA PRO B 115 7.91 13.67 2.27
C PRO B 115 7.65 15.16 2.11
N VAL B 116 7.54 15.84 3.24
CA VAL B 116 7.28 17.28 3.29
C VAL B 116 8.40 17.90 4.10
N THR B 117 9.36 18.53 3.41
CA THR B 117 10.44 19.23 4.08
C THR B 117 9.98 20.63 4.46
N VAL B 118 10.13 20.97 5.73
CA VAL B 118 9.71 22.27 6.26
C VAL B 118 10.97 23.06 6.61
N SER B 119 11.27 24.07 5.81
CA SER B 119 12.43 24.91 6.05
C SER B 119 12.25 26.22 5.29
N LEU B 120 12.77 27.30 5.87
CA LEU B 120 12.70 28.61 5.23
C LEU B 120 13.60 28.73 4.01
N ALA B 121 14.48 27.77 3.78
CA ALA B 121 15.36 27.82 2.62
C ALA B 121 14.56 27.61 1.34
N SER B 122 15.06 28.19 0.25
CA SER B 122 14.39 28.12 -1.03
C SER B 122 14.67 26.78 -1.71
N THR B 123 14.12 26.63 -2.91
CA THR B 123 14.26 25.40 -3.69
C THR B 123 15.48 25.50 -4.62
N LYS B 124 16.12 24.36 -4.84
CA LYS B 124 17.29 24.27 -5.69
C LYS B 124 17.07 23.27 -6.81
N GLY B 125 17.81 23.45 -7.90
CA GLY B 125 17.71 22.59 -9.05
C GLY B 125 18.91 21.66 -9.17
N PRO B 126 18.66 20.38 -9.45
CA PRO B 126 19.77 19.42 -9.52
C PRO B 126 20.58 19.57 -10.79
N SER B 127 21.90 19.50 -10.64
CA SER B 127 22.83 19.51 -11.77
C SER B 127 23.25 18.09 -12.07
N VAL B 128 23.03 17.64 -13.30
CA VAL B 128 23.30 16.27 -13.71
C VAL B 128 24.61 16.25 -14.49
N PHE B 129 25.53 15.37 -14.09
CA PHE B 129 26.82 15.23 -14.73
C PHE B 129 27.05 13.77 -15.09
N PRO B 130 27.62 13.50 -16.27
CA PRO B 130 27.79 12.11 -16.71
C PRO B 130 29.03 11.46 -16.09
N LEU B 131 28.85 10.23 -15.61
CA LEU B 131 29.96 9.41 -15.13
C LEU B 131 30.29 8.42 -16.24
N ALA B 132 31.21 8.81 -17.11
CA ALA B 132 31.49 8.04 -18.31
C ALA B 132 32.29 6.77 -17.97
N PRO B 133 32.11 5.70 -18.74
CA PRO B 133 32.89 4.48 -18.49
C PRO B 133 34.31 4.61 -19.00
N SER B 134 35.26 4.14 -18.20
CA SER B 134 36.67 4.21 -18.56
C SER B 134 37.13 2.92 -19.23
N SER B 139 37.07 -3.07 -15.75
CA SER B 139 37.15 -4.52 -15.63
C SER B 139 37.27 -5.17 -17.00
N GLY B 140 36.75 -6.39 -17.13
CA GLY B 140 36.81 -7.11 -18.38
C GLY B 140 35.44 -7.51 -18.89
N GLY B 141 35.04 -6.92 -20.02
CA GLY B 141 33.75 -7.22 -20.62
C GLY B 141 32.55 -6.65 -19.87
N THR B 142 32.76 -5.99 -18.75
CA THR B 142 31.67 -5.41 -17.96
C THR B 142 32.07 -3.98 -17.58
N ALA B 143 31.57 -3.02 -18.34
CA ALA B 143 31.82 -1.62 -18.07
C ALA B 143 30.79 -1.07 -17.09
N ALA B 144 31.11 0.08 -16.50
CA ALA B 144 30.24 0.74 -15.55
C ALA B 144 30.13 2.22 -15.88
N LEU B 145 28.90 2.74 -15.83
CA LEU B 145 28.66 4.15 -16.09
C LEU B 145 27.52 4.61 -15.19
N GLY B 146 27.26 5.91 -15.21
CA GLY B 146 26.19 6.45 -14.40
C GLY B 146 26.07 7.95 -14.54
N CYS B 147 25.20 8.52 -13.72
CA CYS B 147 24.95 9.95 -13.70
C CYS B 147 25.12 10.46 -12.27
N LEU B 148 25.53 11.72 -12.15
CA LEU B 148 25.75 12.37 -10.86
C LEU B 148 24.72 13.48 -10.69
N VAL B 149 23.84 13.32 -9.71
CA VAL B 149 22.83 14.32 -9.39
C VAL B 149 23.33 15.05 -8.15
N LYS B 150 23.86 16.27 -8.36
CA LYS B 150 24.54 17.02 -7.31
C LYS B 150 23.85 18.36 -7.09
N ASP B 151 23.88 18.81 -5.83
CA ASP B 151 23.41 20.13 -5.43
C ASP B 151 21.93 20.33 -5.75
N TYR B 152 21.05 19.81 -4.90
CA TYR B 152 19.62 20.03 -5.06
C TYR B 152 18.96 20.03 -3.69
N PHE B 153 17.76 20.58 -3.63
CA PHE B 153 16.99 20.66 -2.39
C PHE B 153 15.54 20.99 -2.71
N PRO B 154 14.57 20.29 -2.07
CA PRO B 154 14.84 19.19 -1.14
C PRO B 154 14.64 17.82 -1.78
N GLU B 155 14.74 16.77 -0.96
CA GLU B 155 14.46 15.43 -1.42
C GLU B 155 12.97 15.27 -1.69
N PRO B 156 12.57 14.29 -2.53
CA PRO B 156 13.41 13.36 -3.28
C PRO B 156 13.55 13.70 -4.76
N VAL B 157 14.29 12.85 -5.48
CA VAL B 157 14.39 12.92 -6.93
C VAL B 157 14.24 11.51 -7.49
N THR B 158 13.65 11.41 -8.67
CA THR B 158 13.42 10.14 -9.34
C THR B 158 14.41 9.98 -10.49
N VAL B 159 15.13 8.86 -10.51
CA VAL B 159 16.13 8.58 -11.52
C VAL B 159 15.78 7.28 -12.21
N SER B 160 15.67 7.32 -13.54
CA SER B 160 15.41 6.14 -14.35
C SER B 160 16.33 6.17 -15.56
N TRP B 161 16.65 4.98 -16.08
CA TRP B 161 17.57 4.83 -17.18
C TRP B 161 16.83 4.38 -18.43
N ASN B 162 17.08 5.06 -19.55
CA ASN B 162 16.45 4.75 -20.84
C ASN B 162 14.93 4.77 -20.73
N SER B 163 14.40 5.72 -19.97
CA SER B 163 12.96 5.88 -19.76
C SER B 163 12.35 4.61 -19.19
N GLY B 164 12.97 4.10 -18.13
CA GLY B 164 12.47 2.92 -17.44
C GLY B 164 12.65 1.62 -18.18
N ALA B 165 13.38 1.61 -19.29
CA ALA B 165 13.60 0.40 -20.07
C ALA B 165 14.83 -0.37 -19.62
N LEU B 166 15.72 0.23 -18.84
CA LEU B 166 16.92 -0.42 -18.34
C LEU B 166 16.79 -0.60 -16.83
N THR B 167 16.63 -1.84 -16.40
CA THR B 167 16.47 -2.14 -14.98
C THR B 167 17.46 -3.17 -14.46
N SER B 168 18.34 -3.71 -15.31
CA SER B 168 19.29 -4.74 -14.91
C SER B 168 20.60 -4.07 -14.49
N GLY B 169 21.00 -4.31 -13.24
CA GLY B 169 22.26 -3.78 -12.75
C GLY B 169 22.22 -2.31 -12.40
N VAL B 170 21.04 -1.72 -12.29
CA VAL B 170 20.89 -0.31 -11.95
C VAL B 170 20.87 -0.17 -10.44
N HIS B 171 21.87 0.52 -9.89
CA HIS B 171 21.96 0.80 -8.46
C HIS B 171 21.88 2.31 -8.26
N THR B 172 20.81 2.76 -7.61
CA THR B 172 20.64 4.17 -7.29
C THR B 172 20.91 4.36 -5.80
N PHE B 173 21.94 5.15 -5.49
CA PHE B 173 22.37 5.33 -4.11
C PHE B 173 21.53 6.38 -3.41
N PRO B 174 21.35 6.26 -2.09
CA PRO B 174 20.62 7.29 -1.34
C PRO B 174 21.43 8.58 -1.26
N ALA B 175 20.70 9.69 -1.19
CA ALA B 175 21.34 11.00 -1.14
C ALA B 175 22.04 11.21 0.20
N VAL B 176 22.97 12.16 0.21
CA VAL B 176 23.73 12.53 1.40
C VAL B 176 23.76 14.05 1.51
N LEU B 177 23.42 14.57 2.68
CA LEU B 177 23.41 16.01 2.89
C LEU B 177 24.83 16.54 2.98
N GLN B 178 25.21 17.38 2.02
CA GLN B 178 26.54 17.96 2.00
C GLN B 178 26.65 19.06 3.06
N SER B 179 27.86 19.60 3.20
CA SER B 179 28.07 20.69 4.15
C SER B 179 27.39 21.98 3.70
N SER B 180 27.08 22.10 2.41
CA SER B 180 26.40 23.29 1.89
C SER B 180 24.92 23.31 2.23
N GLY B 181 24.37 22.21 2.73
CA GLY B 181 22.95 22.11 3.01
C GLY B 181 22.12 21.52 1.89
N LEU B 182 22.74 21.15 0.77
CA LEU B 182 22.05 20.57 -0.36
C LEU B 182 22.45 19.10 -0.50
N TYR B 183 21.57 18.33 -1.16
CA TYR B 183 21.77 16.90 -1.30
C TYR B 183 22.54 16.59 -2.59
N SER B 184 23.00 15.34 -2.68
CA SER B 184 23.75 14.87 -3.83
C SER B 184 23.76 13.35 -3.82
N LEU B 185 23.47 12.75 -4.97
CA LEU B 185 23.49 11.30 -5.13
C LEU B 185 24.02 10.95 -6.51
N SER B 186 24.23 9.66 -6.72
CA SER B 186 24.73 9.14 -7.99
C SER B 186 24.07 7.80 -8.27
N SER B 187 23.64 7.61 -9.50
CA SER B 187 23.03 6.36 -9.96
C SER B 187 23.94 5.74 -11.02
N VAL B 188 24.30 4.48 -10.82
CA VAL B 188 25.21 3.78 -11.71
C VAL B 188 24.54 2.51 -12.23
N VAL B 189 25.07 2.00 -13.33
CA VAL B 189 24.56 0.77 -13.94
C VAL B 189 25.72 0.06 -14.63
N THR B 190 25.74 -1.26 -14.49
CA THR B 190 26.75 -2.10 -15.14
C THR B 190 26.21 -2.57 -16.48
N VAL B 191 26.93 -2.27 -17.55
CA VAL B 191 26.47 -2.58 -18.90
C VAL B 191 27.56 -3.37 -19.62
N PRO B 192 27.18 -4.14 -20.64
CA PRO B 192 28.20 -4.85 -21.43
C PRO B 192 29.19 -3.89 -22.07
N SER B 193 30.43 -4.35 -22.22
CA SER B 193 31.49 -3.50 -22.75
C SER B 193 31.26 -3.18 -24.22
N SER B 194 30.80 -4.15 -25.00
CA SER B 194 30.64 -3.93 -26.43
C SER B 194 29.42 -3.08 -26.76
N SER B 195 28.41 -3.08 -25.88
CA SER B 195 27.20 -2.33 -26.13
C SER B 195 27.37 -0.82 -25.95
N LEU B 196 28.57 -0.36 -25.62
CA LEU B 196 28.77 1.07 -25.37
C LEU B 196 28.73 1.88 -26.67
N GLY B 197 29.37 1.37 -27.72
CA GLY B 197 29.46 2.11 -28.97
C GLY B 197 28.17 2.16 -29.76
N THR B 198 27.47 1.03 -29.83
CA THR B 198 26.24 0.92 -30.63
C THR B 198 25.01 1.43 -29.88
N GLN B 199 24.80 0.96 -28.66
CA GLN B 199 23.61 1.32 -27.90
C GLN B 199 23.81 2.67 -27.21
N THR B 200 22.69 3.32 -26.91
CA THR B 200 22.67 4.66 -26.32
C THR B 200 22.06 4.59 -24.93
N TYR B 201 22.81 5.01 -23.93
CA TYR B 201 22.38 4.99 -22.54
C TYR B 201 22.10 6.42 -22.08
N ILE B 202 20.91 6.63 -21.50
CA ILE B 202 20.48 7.95 -21.03
C ILE B 202 19.82 7.78 -19.67
N CYS B 203 20.16 8.67 -18.74
CA CYS B 203 19.53 8.70 -17.44
C CYS B 203 18.47 9.80 -17.40
N ASN B 204 17.33 9.50 -16.77
CA ASN B 204 16.21 10.41 -16.68
C ASN B 204 16.03 10.84 -15.23
N VAL B 205 16.30 12.10 -14.93
CA VAL B 205 16.18 12.66 -13.60
C VAL B 205 15.01 13.63 -13.58
N ASN B 206 14.21 13.56 -12.53
CA ASN B 206 13.04 14.44 -12.38
C ASN B 206 12.97 14.91 -10.93
N HIS B 207 12.94 16.23 -10.74
CA HIS B 207 12.85 16.84 -9.42
C HIS B 207 11.54 17.62 -9.34
N LYS B 208 10.54 17.03 -8.68
CA LYS B 208 9.22 17.65 -8.63
C LYS B 208 9.19 18.98 -7.89
N PRO B 209 9.84 19.17 -6.73
CA PRO B 209 9.74 20.47 -6.05
C PRO B 209 10.19 21.66 -6.89
N SER B 210 11.11 21.46 -7.84
CA SER B 210 11.59 22.53 -8.70
C SER B 210 11.10 22.37 -10.13
N ASN B 211 10.23 21.39 -10.41
CA ASN B 211 9.72 21.14 -11.75
C ASN B 211 10.84 20.92 -12.75
N THR B 212 11.93 20.31 -12.29
CA THR B 212 13.11 20.05 -13.11
C THR B 212 13.09 18.61 -13.59
N LYS B 213 13.20 18.42 -14.90
CA LYS B 213 13.23 17.08 -15.52
C LYS B 213 14.31 17.12 -16.59
N VAL B 214 15.52 16.72 -16.21
CA VAL B 214 16.69 16.78 -17.08
C VAL B 214 17.04 15.37 -17.54
N ASP B 215 17.21 15.20 -18.84
CA ASP B 215 17.68 13.95 -19.43
C ASP B 215 19.09 14.15 -19.96
N LYS B 216 20.04 13.42 -19.40
CA LYS B 216 21.45 13.54 -19.76
C LYS B 216 21.95 12.21 -20.30
N LYS B 217 22.52 12.25 -21.50
CA LYS B 217 23.10 11.07 -22.11
C LYS B 217 24.55 10.90 -21.66
N VAL B 218 24.95 9.64 -21.47
CA VAL B 218 26.31 9.30 -21.08
C VAL B 218 27.01 8.65 -22.26
N GLU B 219 28.21 9.14 -22.56
CA GLU B 219 29.01 8.64 -23.66
C GLU B 219 30.44 8.43 -23.21
N PRO B 220 31.14 7.45 -23.78
CA PRO B 220 32.54 7.21 -23.38
C PRO B 220 33.42 8.39 -23.74
N LYS B 221 34.52 8.54 -23.00
CA LYS B 221 35.46 9.62 -23.23
C LYS B 221 36.57 9.19 -24.19
N GLU C 1 -1.89 4.12 27.90
CA GLU C 1 -1.50 3.59 26.60
C GLU C 1 -0.54 2.42 26.75
N SER C 2 -0.75 1.38 25.95
CA SER C 2 0.11 0.21 25.97
C SER C 2 1.27 0.39 24.98
N VAL C 3 2.45 -0.06 25.38
CA VAL C 3 3.66 0.06 24.58
C VAL C 3 4.03 -1.33 24.05
N LEU C 4 4.55 -1.36 22.83
CA LEU C 4 4.96 -2.59 22.17
C LEU C 4 6.47 -2.63 22.04
N THR C 5 7.08 -3.74 22.47
CA THR C 5 8.51 -3.95 22.36
C THR C 5 8.77 -5.20 21.52
N GLN C 6 9.77 -5.13 20.66
CA GLN C 6 10.08 -6.21 19.73
C GLN C 6 11.49 -6.74 20.00
N SER C 7 11.62 -8.07 20.01
CA SER C 7 12.89 -8.72 20.28
C SER C 7 13.16 -9.76 19.19
N PRO C 8 14.34 -9.74 18.55
CA PRO C 8 15.40 -8.76 18.81
C PRO C 8 15.25 -7.50 17.97
N VAL C 9 16.30 -6.70 17.88
CA VAL C 9 16.28 -5.49 17.05
C VAL C 9 16.71 -5.80 15.62
N SER C 10 17.68 -6.70 15.44
CA SER C 10 18.14 -7.10 14.13
C SER C 10 18.39 -8.60 14.12
N LEU C 11 18.00 -9.25 13.03
CA LEU C 11 18.15 -10.70 12.85
C LEU C 11 18.93 -10.97 11.59
N SER C 12 20.01 -11.73 11.70
CA SER C 12 20.85 -12.11 10.57
C SER C 12 20.72 -13.62 10.40
N LEU C 13 19.87 -14.03 9.45
CA LEU C 13 19.61 -15.44 9.19
C LEU C 13 19.78 -15.73 7.70
N SER C 14 20.40 -16.86 7.40
CA SER C 14 20.63 -17.25 6.02
C SER C 14 19.32 -17.73 5.39
N PRO C 15 19.24 -17.73 4.05
CA PRO C 15 18.03 -18.25 3.40
C PRO C 15 17.81 -19.72 3.72
N GLY C 16 16.54 -20.09 3.88
CA GLY C 16 16.18 -21.44 4.23
C GLY C 16 16.04 -21.69 5.71
N GLU C 17 16.29 -20.70 6.56
CA GLU C 17 16.17 -20.84 8.00
C GLU C 17 14.87 -20.21 8.50
N ARG C 18 14.59 -20.45 9.77
CA ARG C 18 13.36 -20.01 10.41
C ARG C 18 13.64 -18.84 11.34
N ALA C 19 12.94 -17.73 11.14
CA ALA C 19 13.11 -16.52 11.94
C ALA C 19 11.86 -16.30 12.77
N THR C 20 12.02 -16.26 14.09
CA THR C 20 10.92 -16.06 15.03
C THR C 20 11.06 -14.68 15.66
N LEU C 21 10.14 -13.78 15.31
CA LEU C 21 10.15 -12.42 15.81
C LEU C 21 9.08 -12.27 16.90
N SER C 22 9.45 -11.64 18.01
CA SER C 22 8.57 -11.48 19.15
C SER C 22 8.13 -10.02 19.27
N CYS C 23 6.87 -9.82 19.67
CA CYS C 23 6.33 -8.49 19.93
C CYS C 23 5.58 -8.56 21.26
N ARG C 24 6.17 -7.98 22.31
CA ARG C 24 5.60 -8.02 23.65
C ARG C 24 4.80 -6.75 23.91
N ALA C 25 3.71 -6.90 24.65
CA ALA C 25 2.83 -5.79 24.98
C ALA C 25 2.94 -5.46 26.47
N SER C 26 2.89 -4.16 26.77
CA SER C 26 2.99 -3.74 28.17
C SER C 26 1.69 -4.01 28.93
N GLN C 27 0.56 -4.02 28.24
CA GLN C 27 -0.73 -4.30 28.84
C GLN C 27 -1.44 -5.40 28.06
N SER C 28 -2.54 -5.88 28.63
CA SER C 28 -3.30 -6.95 27.99
C SER C 28 -3.99 -6.43 26.73
N VAL C 29 -3.80 -7.13 25.61
CA VAL C 29 -4.38 -6.76 24.34
C VAL C 29 -5.30 -7.85 23.80
N GLY C 30 -4.93 -9.10 23.96
CA GLY C 30 -5.75 -10.22 23.49
C GLY C 30 -5.33 -10.68 22.11
N THR C 31 -6.23 -10.56 21.14
CA THR C 31 -5.95 -10.91 19.75
C THR C 31 -5.92 -9.69 18.85
N TYR C 32 -5.90 -8.48 19.41
CA TYR C 32 -5.88 -7.25 18.62
C TYR C 32 -4.44 -6.87 18.25
N LEU C 33 -3.79 -7.80 17.56
CA LEU C 33 -2.41 -7.60 17.12
C LEU C 33 -2.32 -7.85 15.63
N ALA C 34 -1.34 -7.21 15.00
CA ALA C 34 -1.12 -7.35 13.56
C ALA C 34 0.36 -7.11 13.26
N TRP C 35 0.86 -7.83 12.26
CA TRP C 35 2.24 -7.72 11.83
C TRP C 35 2.30 -7.11 10.43
N TYR C 36 3.19 -6.15 10.25
CA TYR C 36 3.38 -5.48 8.98
C TYR C 36 4.81 -5.70 8.47
N GLN C 37 4.97 -5.66 7.15
CA GLN C 37 6.27 -5.82 6.51
C GLN C 37 6.53 -4.61 5.62
N HIS C 38 7.68 -3.97 5.82
CA HIS C 38 8.08 -2.79 5.06
C HIS C 38 9.32 -3.13 4.25
N ARG C 39 9.13 -3.40 2.96
CA ARG C 39 10.25 -3.63 2.07
C ARG C 39 11.14 -2.39 2.00
N PRO C 40 12.41 -2.55 1.63
CA PRO C 40 13.32 -1.39 1.68
C PRO C 40 12.87 -0.21 0.84
N GLY C 41 12.49 -0.43 -0.41
CA GLY C 41 12.13 0.68 -1.27
C GLY C 41 10.67 0.69 -1.70
N GLN C 42 9.82 -0.03 -0.97
CA GLN C 42 8.41 -0.16 -1.31
C GLN C 42 7.55 0.21 -0.11
N ALA C 43 6.26 0.38 -0.37
CA ALA C 43 5.31 0.67 0.68
C ALA C 43 5.10 -0.57 1.56
N PRO C 44 4.75 -0.38 2.83
CA PRO C 44 4.53 -1.54 3.71
C PRO C 44 3.26 -2.30 3.35
N ARG C 45 3.19 -3.53 3.85
CA ARG C 45 2.05 -4.41 3.63
C ARG C 45 1.53 -4.92 4.96
N LEU C 46 0.41 -5.63 4.90
CA LEU C 46 -0.16 -6.32 6.04
C LEU C 46 0.04 -7.82 5.85
N LEU C 47 0.80 -8.45 6.74
CA LEU C 47 1.08 -9.87 6.69
C LEU C 47 0.11 -10.69 7.54
N ILE C 48 0.00 -10.38 8.83
CA ILE C 48 -0.86 -11.10 9.75
C ILE C 48 -1.78 -10.10 10.43
N TYR C 49 -3.07 -10.41 10.46
CA TYR C 49 -4.05 -9.61 11.18
C TYR C 49 -4.76 -10.49 12.21
N ASN C 50 -5.24 -9.85 13.28
CA ASN C 50 -5.87 -10.56 14.39
C ASN C 50 -4.94 -11.60 15.00
N ALA C 51 -3.64 -11.32 15.00
CA ALA C 51 -2.62 -12.07 15.72
C ALA C 51 -2.38 -13.48 15.17
N SER C 52 -3.20 -13.95 14.22
CA SER C 52 -3.03 -15.31 13.73
C SER C 52 -3.58 -15.51 12.33
N LYS C 53 -4.41 -14.58 11.85
CA LYS C 53 -5.02 -14.70 10.53
C LYS C 53 -4.12 -14.10 9.47
N ARG C 54 -3.79 -14.90 8.46
CA ARG C 54 -2.92 -14.45 7.38
C ARG C 54 -3.72 -13.64 6.36
N ALA C 55 -3.18 -12.48 5.98
CA ALA C 55 -3.86 -11.59 5.05
C ALA C 55 -3.88 -12.20 3.64
N THR C 56 -4.67 -11.57 2.77
CA THR C 56 -4.82 -12.06 1.42
C THR C 56 -3.54 -11.85 0.61
N GLY C 57 -3.15 -12.87 -0.14
CA GLY C 57 -1.97 -12.78 -0.98
C GLY C 57 -0.64 -12.91 -0.25
N ILE C 58 -0.67 -13.24 1.03
CA ILE C 58 0.56 -13.38 1.81
C ILE C 58 1.02 -14.83 1.74
N PRO C 59 2.30 -15.10 1.49
CA PRO C 59 2.77 -16.48 1.43
C PRO C 59 2.57 -17.21 2.76
N ALA C 60 2.48 -18.54 2.67
CA ALA C 60 2.23 -19.36 3.84
C ALA C 60 3.39 -19.41 4.81
N ARG C 61 4.57 -18.91 4.42
CA ARG C 61 5.72 -18.91 5.32
C ARG C 61 5.45 -18.04 6.55
N PHE C 62 4.79 -16.91 6.35
CA PHE C 62 4.48 -16.01 7.46
C PHE C 62 3.32 -16.58 8.27
N SER C 63 3.53 -16.72 9.58
CA SER C 63 2.52 -17.27 10.46
C SER C 63 2.60 -16.57 11.82
N GLY C 64 1.47 -16.08 12.29
CA GLY C 64 1.39 -15.41 13.57
C GLY C 64 0.80 -16.31 14.65
N SER C 65 1.18 -16.04 15.90
CA SER C 65 0.72 -16.83 17.03
C SER C 65 0.80 -15.99 18.28
N GLY C 66 0.17 -16.47 19.34
CA GLY C 66 0.20 -15.79 20.62
C GLY C 66 -1.07 -15.01 20.88
N SER C 67 -1.37 -14.80 22.16
CA SER C 67 -2.53 -14.04 22.57
C SER C 67 -2.30 -13.50 23.99
N GLY C 68 -2.72 -12.27 24.22
CA GLY C 68 -2.56 -11.65 25.52
C GLY C 68 -1.49 -10.57 25.53
N THR C 69 -0.23 -10.96 25.74
CA THR C 69 0.87 -10.02 25.76
C THR C 69 2.09 -10.45 24.97
N ASP C 70 2.27 -11.74 24.68
CA ASP C 70 3.44 -12.23 23.96
C ASP C 70 2.99 -12.83 22.64
N PHE C 71 3.41 -12.21 21.53
CA PHE C 71 3.10 -12.67 20.20
C PHE C 71 4.40 -13.02 19.45
N THR C 72 4.31 -13.97 18.54
CA THR C 72 5.46 -14.43 17.77
C THR C 72 5.09 -14.52 16.30
N LEU C 73 5.92 -13.90 15.45
CA LEU C 73 5.81 -14.05 14.01
C LEU C 73 6.92 -14.98 13.54
N THR C 74 6.55 -16.04 12.83
CA THR C 74 7.48 -17.08 12.42
C THR C 74 7.51 -17.17 10.90
N ILE C 75 8.67 -16.84 10.32
CA ILE C 75 8.90 -17.02 8.89
C ILE C 75 9.49 -18.42 8.71
N SER C 76 8.72 -19.30 8.06
CA SER C 76 9.12 -20.71 7.97
C SER C 76 10.43 -20.87 7.21
N SER C 77 10.53 -20.27 6.02
CA SER C 77 11.73 -20.35 5.20
C SER C 77 12.04 -18.97 4.67
N LEU C 78 13.16 -18.39 5.11
CA LEU C 78 13.56 -17.07 4.63
C LEU C 78 13.97 -17.15 3.16
N GLU C 79 13.35 -16.32 2.34
CA GLU C 79 13.68 -16.18 0.93
C GLU C 79 14.34 -14.83 0.69
N PRO C 80 15.13 -14.71 -0.38
CA PRO C 80 15.85 -13.44 -0.62
C PRO C 80 14.95 -12.22 -0.73
N GLU C 81 13.66 -12.39 -1.02
CA GLU C 81 12.75 -11.26 -1.11
C GLU C 81 12.18 -10.84 0.24
N ASP C 82 12.43 -11.61 1.30
CA ASP C 82 11.89 -11.32 2.62
C ASP C 82 12.78 -10.36 3.42
N LEU C 83 13.77 -9.75 2.79
CA LEU C 83 14.63 -8.78 3.46
C LEU C 83 13.85 -7.48 3.64
N ALA C 84 13.40 -7.23 4.87
CA ALA C 84 12.58 -6.06 5.16
C ALA C 84 12.59 -5.84 6.68
N VAL C 85 11.91 -4.78 7.10
CA VAL C 85 11.74 -4.44 8.51
C VAL C 85 10.29 -4.72 8.89
N TYR C 86 10.09 -5.41 10.01
CA TYR C 86 8.78 -5.86 10.43
C TYR C 86 8.41 -5.18 11.75
N PHE C 87 7.21 -4.61 11.80
CA PHE C 87 6.71 -3.94 13.00
C PHE C 87 5.29 -4.39 13.29
N CYS C 88 4.93 -4.36 14.57
CA CYS C 88 3.62 -4.78 15.04
C CYS C 88 2.76 -3.58 15.43
N GLN C 89 1.46 -3.84 15.57
CA GLN C 89 0.50 -2.81 15.91
C GLN C 89 -0.61 -3.42 16.76
N GLN C 90 -1.22 -2.60 17.61
CA GLN C 90 -2.33 -3.03 18.45
C GLN C 90 -3.48 -2.03 18.34
N ARG C 91 -4.70 -2.54 18.49
CA ARG C 91 -5.92 -1.74 18.40
C ARG C 91 -6.87 -2.08 19.53
N SER C 92 -6.32 -2.37 20.72
CA SER C 92 -7.17 -2.72 21.85
C SER C 92 -7.91 -1.50 22.40
N ASN C 93 -7.22 -0.36 22.47
CA ASN C 93 -7.85 0.88 22.90
C ASN C 93 -7.38 2.03 22.01
N TRP C 94 -6.06 2.18 21.87
CA TRP C 94 -5.48 3.18 20.98
C TRP C 94 -4.40 2.52 20.15
N LEU C 95 -4.16 3.08 18.96
CA LEU C 95 -3.17 2.52 18.04
C LEU C 95 -1.77 2.84 18.53
N THR C 96 -0.98 1.80 18.77
CA THR C 96 0.43 1.94 19.15
C THR C 96 1.25 1.01 18.26
N PHE C 97 2.04 1.60 17.37
CA PHE C 97 2.89 0.82 16.49
C PHE C 97 4.16 0.38 17.21
N GLY C 98 4.65 -0.80 16.86
CA GLY C 98 5.83 -1.35 17.49
C GLY C 98 7.11 -0.66 17.04
N GLY C 99 8.20 -1.02 17.70
CA GLY C 99 9.49 -0.44 17.35
C GLY C 99 9.98 -0.88 16.00
N GLY C 100 9.97 -2.18 15.75
CA GLY C 100 10.43 -2.71 14.48
C GLY C 100 11.67 -3.59 14.60
N THR C 101 11.74 -4.64 13.79
CA THR C 101 12.87 -5.56 13.77
C THR C 101 13.35 -5.73 12.35
N LYS C 102 14.64 -5.47 12.12
CA LYS C 102 15.24 -5.61 10.80
C LYS C 102 15.66 -7.05 10.55
N VAL C 103 15.34 -7.55 9.37
CA VAL C 103 15.68 -8.91 8.96
C VAL C 103 16.80 -8.81 7.93
N GLU C 104 17.98 -9.29 8.29
CA GLU C 104 19.14 -9.29 7.41
C GLU C 104 19.37 -10.70 6.86
N ILE C 105 19.81 -10.76 5.61
CA ILE C 105 20.04 -12.02 4.92
C ILE C 105 21.54 -12.25 4.78
N LYS C 106 22.01 -13.39 5.25
CA LYS C 106 23.41 -13.78 5.11
C LYS C 106 23.61 -14.56 3.81
N ARG C 107 24.77 -14.37 3.20
CA ARG C 107 25.10 -15.04 1.96
C ARG C 107 26.60 -15.31 1.91
N THR C 108 27.04 -15.97 0.85
CA THR C 108 28.45 -16.22 0.65
C THR C 108 29.19 -14.91 0.45
N VAL C 109 30.47 -14.90 0.83
CA VAL C 109 31.28 -13.69 0.73
C VAL C 109 31.48 -13.36 -0.74
N ALA C 110 31.06 -12.16 -1.14
CA ALA C 110 31.18 -11.69 -2.52
C ALA C 110 32.15 -10.53 -2.56
N ALA C 111 33.15 -10.62 -3.45
CA ALA C 111 34.13 -9.56 -3.58
C ALA C 111 33.55 -8.40 -4.39
N PRO C 112 33.83 -7.16 -4.02
CA PRO C 112 33.30 -6.02 -4.75
C PRO C 112 34.01 -5.78 -6.07
N SER C 113 33.29 -5.14 -6.99
CA SER C 113 33.83 -4.70 -8.26
C SER C 113 34.04 -3.19 -8.20
N VAL C 114 35.29 -2.75 -8.30
CA VAL C 114 35.67 -1.37 -8.06
C VAL C 114 35.75 -0.63 -9.38
N PHE C 115 35.11 0.54 -9.45
CA PHE C 115 35.21 1.45 -10.59
C PHE C 115 35.46 2.85 -10.08
N ILE C 116 36.11 3.67 -10.90
CA ILE C 116 36.39 5.06 -10.57
C ILE C 116 35.93 5.94 -11.73
N PHE C 117 35.36 7.08 -11.40
CA PHE C 117 34.77 7.98 -12.39
C PHE C 117 35.36 9.38 -12.22
N PRO C 118 36.15 9.87 -13.17
CA PRO C 118 36.67 11.24 -13.08
C PRO C 118 35.55 12.25 -13.23
N PRO C 119 35.74 13.48 -12.74
CA PRO C 119 34.69 14.50 -12.91
C PRO C 119 34.55 14.90 -14.37
N SER C 120 33.30 15.12 -14.78
CA SER C 120 33.01 15.51 -16.15
C SER C 120 33.54 16.91 -16.44
N ASP C 121 33.78 17.17 -17.73
CA ASP C 121 34.23 18.50 -18.14
C ASP C 121 33.16 19.56 -17.91
N GLU C 122 31.89 19.17 -17.85
CA GLU C 122 30.84 20.13 -17.52
C GLU C 122 30.94 20.57 -16.06
N GLN C 123 31.16 19.62 -15.15
CA GLN C 123 31.29 19.97 -13.74
C GLN C 123 32.57 20.75 -13.48
N LEU C 124 33.63 20.47 -14.24
CA LEU C 124 34.88 21.21 -14.08
C LEU C 124 34.72 22.67 -14.48
N LYS C 125 33.84 22.96 -15.45
CA LYS C 125 33.53 24.34 -15.78
C LYS C 125 32.79 25.06 -14.67
N SER C 126 32.09 24.31 -13.81
CA SER C 126 31.36 24.92 -12.71
C SER C 126 32.30 25.44 -11.62
N GLY C 127 33.42 24.76 -11.40
CA GLY C 127 34.38 25.13 -10.38
C GLY C 127 34.56 24.09 -9.29
N THR C 128 33.68 23.09 -9.20
CA THR C 128 33.81 22.01 -8.23
C THR C 128 34.05 20.70 -8.98
N ALA C 129 34.78 19.79 -8.32
CA ALA C 129 35.11 18.50 -8.89
C ALA C 129 34.66 17.39 -7.94
N SER C 130 34.13 16.32 -8.51
CA SER C 130 33.66 15.17 -7.73
C SER C 130 34.15 13.89 -8.39
N VAL C 131 35.00 13.15 -7.69
CA VAL C 131 35.50 11.86 -8.16
C VAL C 131 34.72 10.77 -7.43
N VAL C 132 34.09 9.88 -8.20
CA VAL C 132 33.19 8.88 -7.67
C VAL C 132 33.87 7.52 -7.74
N CYS C 133 33.89 6.81 -6.62
CA CYS C 133 34.40 5.45 -6.54
C CYS C 133 33.25 4.51 -6.22
N LEU C 134 33.16 3.40 -6.94
CA LEU C 134 32.02 2.50 -6.87
C LEU C 134 32.45 1.12 -6.40
N LEU C 135 31.73 0.59 -5.41
CA LEU C 135 31.85 -0.79 -4.97
C LEU C 135 30.50 -1.45 -5.27
N ASN C 136 30.49 -2.35 -6.26
CA ASN C 136 29.22 -2.69 -6.91
C ASN C 136 28.42 -3.74 -6.12
N ASN C 137 28.95 -4.96 -6.03
CA ASN C 137 28.23 -6.07 -5.39
C ASN C 137 29.17 -6.76 -4.43
N PHE C 138 28.90 -6.63 -3.12
CA PHE C 138 29.78 -7.17 -2.11
C PHE C 138 28.98 -7.53 -0.86
N TYR C 139 29.55 -8.46 -0.08
CA TYR C 139 29.03 -8.90 1.20
C TYR C 139 30.20 -9.48 1.98
N PRO C 140 30.33 -9.15 3.28
CA PRO C 140 29.44 -8.30 4.09
C PRO C 140 29.57 -6.81 3.78
N ARG C 141 28.80 -5.97 4.50
CA ARG C 141 28.73 -4.56 4.20
C ARG C 141 29.97 -3.77 4.63
N GLU C 142 30.76 -4.31 5.58
CA GLU C 142 31.92 -3.58 6.07
C GLU C 142 33.01 -3.54 4.99
N ALA C 143 33.36 -2.34 4.55
CA ALA C 143 34.38 -2.16 3.52
C ALA C 143 35.04 -0.80 3.71
N LYS C 144 36.36 -0.80 3.74
CA LYS C 144 37.13 0.43 3.93
C LYS C 144 37.54 1.00 2.57
N VAL C 145 37.23 2.28 2.35
CA VAL C 145 37.58 2.98 1.13
C VAL C 145 38.52 4.13 1.50
N GLN C 146 39.67 4.18 0.83
CA GLN C 146 40.69 5.19 1.09
C GLN C 146 41.03 5.90 -0.20
N TRP C 147 41.00 7.23 -0.17
CA TRP C 147 41.31 8.05 -1.33
C TRP C 147 42.78 8.49 -1.28
N LYS C 148 43.44 8.40 -2.42
CA LYS C 148 44.84 8.80 -2.55
C LYS C 148 44.96 9.75 -3.74
N VAL C 149 45.48 10.95 -3.48
CA VAL C 149 45.73 11.95 -4.51
C VAL C 149 47.23 12.15 -4.58
N ASP C 150 47.85 11.59 -5.63
CA ASP C 150 49.31 11.56 -5.76
C ASP C 150 49.94 10.88 -4.54
N ASN C 151 49.40 9.71 -4.19
CA ASN C 151 49.87 8.91 -3.05
C ASN C 151 49.75 9.68 -1.74
N ALA C 152 48.78 10.59 -1.65
CA ALA C 152 48.51 11.34 -0.43
C ALA C 152 47.11 11.00 0.05
N LEU C 153 47.01 10.37 1.22
CA LEU C 153 45.73 9.92 1.73
C LEU C 153 44.87 11.10 2.15
N GLN C 154 43.62 11.10 1.69
CA GLN C 154 42.64 12.11 2.06
C GLN C 154 41.68 11.55 3.10
N SER C 155 41.06 12.46 3.87
CA SER C 155 40.21 12.03 4.97
C SER C 155 38.89 12.78 5.02
N GLY C 156 38.95 14.10 5.12
CA GLY C 156 37.76 14.89 5.39
C GLY C 156 37.09 15.52 4.19
N ASN C 157 37.33 14.98 3.00
CA ASN C 157 36.71 15.49 1.78
C ASN C 157 35.96 14.39 1.03
N SER C 158 35.45 13.40 1.75
CA SER C 158 34.75 12.28 1.15
C SER C 158 33.51 11.94 1.96
N GLN C 159 32.48 11.47 1.28
CA GLN C 159 31.24 11.02 1.90
C GLN C 159 30.73 9.80 1.17
N GLU C 160 30.25 8.82 1.93
CA GLU C 160 29.86 7.53 1.38
C GLU C 160 28.35 7.36 1.39
N SER C 161 27.88 6.42 0.58
CA SER C 161 26.48 6.07 0.50
C SER C 161 26.37 4.57 0.19
N VAL C 162 25.51 3.88 0.93
CA VAL C 162 25.35 2.44 0.81
C VAL C 162 23.90 2.12 0.49
N THR C 163 23.70 1.19 -0.44
CA THR C 163 22.36 0.73 -0.77
C THR C 163 21.91 -0.35 0.21
N GLU C 164 20.59 -0.57 0.26
CA GLU C 164 20.04 -1.63 1.08
C GLU C 164 20.36 -2.99 0.46
N GLN C 165 20.09 -4.04 1.23
CA GLN C 165 20.36 -5.40 0.76
C GLN C 165 19.44 -5.73 -0.42
N ASP C 166 20.04 -6.20 -1.51
CA ASP C 166 19.29 -6.50 -2.72
C ASP C 166 18.31 -7.64 -2.48
N SER C 167 17.22 -7.63 -3.23
CA SER C 167 16.18 -8.64 -3.12
C SER C 167 16.45 -9.88 -3.97
N LYS C 168 17.53 -9.89 -4.75
CA LYS C 168 17.85 -11.00 -5.63
C LYS C 168 19.11 -11.75 -5.20
N ASP C 169 20.19 -11.02 -4.90
CA ASP C 169 21.45 -11.63 -4.50
C ASP C 169 21.88 -11.30 -3.08
N SER C 170 21.16 -10.42 -2.38
CA SER C 170 21.46 -10.04 -1.00
C SER C 170 22.86 -9.42 -0.88
N THR C 171 23.23 -8.60 -1.86
CA THR C 171 24.50 -7.90 -1.86
C THR C 171 24.26 -6.40 -1.73
N TYR C 172 25.30 -5.69 -1.31
CA TYR C 172 25.25 -4.25 -1.12
C TYR C 172 25.98 -3.53 -2.25
N SER C 173 26.03 -2.21 -2.14
CA SER C 173 26.72 -1.36 -3.10
C SER C 173 27.10 -0.07 -2.39
N LEU C 174 28.34 0.40 -2.61
CA LEU C 174 28.85 1.58 -1.95
C LEU C 174 29.39 2.57 -2.97
N SER C 175 29.21 3.85 -2.66
CA SER C 175 29.68 4.95 -3.51
C SER C 175 30.38 5.97 -2.63
N SER C 176 31.66 6.21 -2.91
CA SER C 176 32.46 7.20 -2.19
C SER C 176 32.80 8.34 -3.14
N THR C 177 32.32 9.54 -2.83
CA THR C 177 32.51 10.71 -3.67
C THR C 177 33.53 11.64 -3.01
N LEU C 178 34.55 12.04 -3.79
CA LEU C 178 35.61 12.92 -3.31
C LEU C 178 35.37 14.31 -3.92
N THR C 179 35.01 15.27 -3.07
CA THR C 179 34.66 16.61 -3.53
C THR C 179 35.88 17.52 -3.37
N LEU C 180 36.36 18.06 -4.48
CA LEU C 180 37.48 18.99 -4.51
C LEU C 180 37.13 20.20 -5.36
N SER C 181 37.92 21.25 -5.23
CA SER C 181 37.75 22.43 -6.07
C SER C 181 38.40 22.21 -7.44
N LYS C 182 38.02 23.06 -8.39
CA LYS C 182 38.58 22.95 -9.74
C LYS C 182 40.08 23.18 -9.73
N ALA C 183 40.55 24.15 -8.96
CA ALA C 183 41.98 24.44 -8.90
C ALA C 183 42.74 23.27 -8.27
N ASP C 184 42.26 22.77 -7.13
CA ASP C 184 42.94 21.67 -6.45
C ASP C 184 42.91 20.40 -7.28
N TYR C 185 41.87 20.21 -8.09
CA TYR C 185 41.82 19.02 -8.93
C TYR C 185 42.89 19.04 -10.01
N GLU C 186 43.16 20.21 -10.58
CA GLU C 186 44.17 20.35 -11.62
C GLU C 186 45.57 20.63 -11.07
N LYS C 187 45.72 20.66 -9.75
CA LYS C 187 47.03 20.74 -9.12
C LYS C 187 47.66 19.38 -8.89
N HIS C 188 46.97 18.30 -9.23
CA HIS C 188 47.47 16.94 -9.07
C HIS C 188 47.15 16.14 -10.32
N LYS C 189 47.79 14.98 -10.43
CA LYS C 189 47.64 14.12 -11.61
C LYS C 189 47.02 12.77 -11.28
N VAL C 190 47.61 12.03 -10.36
CA VAL C 190 47.16 10.66 -10.06
C VAL C 190 46.08 10.71 -8.99
N TYR C 191 44.91 10.16 -9.31
CA TYR C 191 43.79 10.06 -8.38
C TYR C 191 43.38 8.59 -8.30
N ALA C 192 43.55 7.99 -7.12
CA ALA C 192 43.32 6.58 -6.92
C ALA C 192 42.28 6.35 -5.83
N CYS C 193 41.71 5.14 -5.83
CA CYS C 193 40.73 4.73 -4.83
C CYS C 193 41.05 3.30 -4.42
N GLU C 194 41.56 3.13 -3.20
CA GLU C 194 41.94 1.82 -2.68
C GLU C 194 40.81 1.28 -1.80
N VAL C 195 40.44 0.02 -2.05
CA VAL C 195 39.33 -0.63 -1.34
C VAL C 195 39.87 -1.85 -0.62
N THR C 196 39.53 -1.97 0.66
CA THR C 196 39.91 -3.12 1.47
C THR C 196 38.65 -3.85 1.91
N HIS C 197 38.50 -5.09 1.45
CA HIS C 197 37.31 -5.88 1.73
C HIS C 197 37.71 -7.27 2.18
N GLN C 198 36.76 -7.99 2.78
CA GLN C 198 37.03 -9.33 3.29
C GLN C 198 37.25 -10.33 2.15
N GLY C 199 36.44 -10.25 1.10
CA GLY C 199 36.56 -11.16 -0.02
C GLY C 199 37.76 -10.95 -0.90
N LEU C 200 38.55 -9.91 -0.66
CA LEU C 200 39.73 -9.60 -1.46
C LEU C 200 40.98 -9.99 -0.67
N SER C 201 41.85 -10.79 -1.29
CA SER C 201 43.10 -11.17 -0.64
C SER C 201 44.02 -9.96 -0.48
N SER C 202 44.05 -9.07 -1.47
CA SER C 202 44.85 -7.86 -1.44
C SER C 202 43.98 -6.67 -1.78
N PRO C 203 44.26 -5.49 -1.21
CA PRO C 203 43.46 -4.31 -1.53
C PRO C 203 43.55 -3.95 -3.00
N VAL C 204 42.40 -3.63 -3.59
CA VAL C 204 42.29 -3.28 -5.00
C VAL C 204 42.32 -1.77 -5.13
N THR C 205 43.12 -1.26 -6.06
CA THR C 205 43.25 0.16 -6.31
C THR C 205 42.92 0.46 -7.76
N LYS C 206 42.05 1.44 -7.98
CA LYS C 206 41.69 1.91 -9.31
C LYS C 206 42.07 3.38 -9.41
N SER C 207 43.00 3.69 -10.31
CA SER C 207 43.54 5.04 -10.45
C SER C 207 43.35 5.54 -11.88
N PHE C 208 43.56 6.84 -12.05
CA PHE C 208 43.51 7.47 -13.37
C PHE C 208 44.33 8.75 -13.32
N ASN C 209 44.96 9.08 -14.44
CA ASN C 209 45.69 10.34 -14.56
C ASN C 209 44.79 11.39 -15.20
N ARG C 210 44.97 12.64 -14.77
CA ARG C 210 44.09 13.71 -15.21
C ARG C 210 44.23 13.99 -16.70
N GLY C 211 45.44 13.84 -17.25
CA GLY C 211 45.66 14.13 -18.66
C GLY C 211 45.10 13.08 -19.61
N GLU C 212 44.94 11.85 -19.16
CA GLU C 212 44.46 10.77 -20.03
C GLU C 212 43.03 11.02 -20.50
#